data_4GFO
#
_entry.id   4GFO
#
_cell.length_a   49.361
_cell.length_b   49.361
_cell.length_c   420.686
_cell.angle_alpha   90.00
_cell.angle_beta   90.00
_cell.angle_gamma   120.00
#
_symmetry.space_group_name_H-M   'P 65 2 2'
#
loop_
_entity.id
_entity.type
_entity.pdbx_description
1 polymer 'Non-receptor tyrosine-protein kinase TYK2'
2 non-polymer 'SULFATE ION'
3 non-polymer 1,2-ETHANEDIOL
4 non-polymer GLYCEROL
5 non-polymer 2,6-dichloro-N-(2-oxo-2,5-dihydropyridin-4-yl)benzamide
6 water water
#
_entity_poly.entity_id   1
_entity_poly.type   'polypeptide(L)'
_entity_poly.pdbx_seq_one_letter_code
;MGSPASDPTVFHKRYLKKIRDLGEGHFGKVSLYCYDPTNDGTGEMVAVKALKADCGPQHRSGWKQEIDILRTLYHEHIIK
YKGCCEDQGEKSLQLVMEYVPLGSLRDYLPRHSIGLAQLLLFAQQICEGMAYLHSQHYIHRNLAARNVLLDNDRLVKIGD
FGLAKAVPEGHEYYRVREDGDSPVFWYAPECLKEYKFYYASDVWSFGVTLYELLTHCDSSQSPPTKFLELIGIAQGQMTV
LRLTELLERGERLPRPDKCPCEVYHLMKNCWETEASFRPTFENLIPILKTVHEKYRHHHHHH
;
_entity_poly.pdbx_strand_id   A
#
loop_
_chem_comp.id
_chem_comp.type
_chem_comp.name
_chem_comp.formula
0X2 non-polymer 2,6-dichloro-N-(2-oxo-2,5-dihydropyridin-4-yl)benzamide 'C12 H8 Cl2 N2 O2'
EDO non-polymer 1,2-ETHANEDIOL 'C2 H6 O2'
GOL non-polymer GLYCEROL 'C3 H8 O3'
SO4 non-polymer 'SULFATE ION' 'O4 S -2'
#
# COMPACT_ATOMS: atom_id res chain seq x y z
N THR A 9 -2.49 5.71 -24.90
CA THR A 9 -3.43 6.78 -25.22
C THR A 9 -2.87 8.15 -24.80
N VAL A 10 -2.82 9.09 -25.77
CA VAL A 10 -2.36 10.46 -25.54
C VAL A 10 -3.60 11.33 -25.30
N PHE A 11 -3.73 11.83 -24.07
CA PHE A 11 -4.84 12.69 -23.64
C PHE A 11 -4.52 14.16 -23.91
N HIS A 12 -5.54 14.97 -24.22
CA HIS A 12 -5.39 16.39 -24.50
C HIS A 12 -5.96 17.23 -23.35
N LYS A 13 -5.07 18.04 -22.73
CA LYS A 13 -5.35 18.94 -21.59
C LYS A 13 -6.51 19.89 -21.83
N ARG A 14 -6.73 20.32 -23.10
CA ARG A 14 -7.81 21.20 -23.55
C ARG A 14 -9.19 20.67 -23.13
N TYR A 15 -9.40 19.34 -23.26
CA TYR A 15 -10.67 18.70 -22.91
C TYR A 15 -10.69 18.12 -21.50
N LEU A 16 -9.56 18.27 -20.78
CA LEU A 16 -9.41 17.83 -19.40
C LEU A 16 -9.76 19.01 -18.48
N LYS A 17 -10.87 18.86 -17.71
CA LYS A 17 -11.38 19.87 -16.78
C LYS A 17 -11.42 19.27 -15.39
N LYS A 18 -10.72 19.90 -14.41
CA LYS A 18 -10.65 19.46 -13.01
C LYS A 18 -12.00 19.60 -12.31
N ILE A 19 -12.43 18.55 -11.57
CA ILE A 19 -13.70 18.51 -10.83
C ILE A 19 -13.51 18.78 -9.34
N ARG A 20 -12.64 18.01 -8.64
CA ARG A 20 -12.37 18.15 -7.20
C ARG A 20 -11.15 17.36 -6.72
N ASP A 21 -10.39 17.93 -5.76
CA ASP A 21 -9.18 17.33 -5.18
C ASP A 21 -9.41 16.07 -4.37
N LEU A 22 -8.50 15.08 -4.53
CA LEU A 22 -8.54 13.81 -3.80
C LEU A 22 -7.45 13.78 -2.71
N GLY A 23 -6.27 14.29 -3.04
CA GLY A 23 -5.13 14.36 -2.12
C GLY A 23 -3.78 14.24 -2.79
N GLU A 24 -2.75 14.00 -1.98
CA GLU A 24 -1.36 13.81 -2.43
C GLU A 24 -0.67 12.71 -1.62
N GLY A 25 0.23 11.97 -2.26
CA GLY A 25 0.92 10.84 -1.65
C GLY A 25 2.42 10.97 -1.48
N HIS A 26 3.14 11.10 -2.60
CA HIS A 26 4.60 11.28 -2.58
C HIS A 26 4.90 12.69 -3.14
N PHE A 27 4.26 13.70 -2.50
CA PHE A 27 4.26 15.12 -2.83
C PHE A 27 3.56 15.50 -4.16
N GLY A 28 3.19 14.47 -4.94
CA GLY A 28 2.46 14.59 -6.19
C GLY A 28 0.96 14.52 -5.91
N LYS A 29 0.21 15.52 -6.39
CA LYS A 29 -1.23 15.68 -6.17
C LYS A 29 -2.12 14.91 -7.17
N VAL A 30 -3.21 14.30 -6.66
CA VAL A 30 -4.20 13.56 -7.45
C VAL A 30 -5.54 14.28 -7.41
N SER A 31 -6.14 14.49 -8.58
CA SER A 31 -7.46 15.13 -8.67
C SER A 31 -8.37 14.43 -9.69
N LEU A 32 -9.68 14.52 -9.42
CA LEU A 32 -10.75 14.02 -10.28
C LEU A 32 -10.97 15.04 -11.42
N TYR A 33 -10.81 14.61 -12.67
CA TYR A 33 -10.97 15.40 -13.89
C TYR A 33 -11.99 14.74 -14.80
N CYS A 34 -12.61 15.53 -15.71
CA CYS A 34 -13.55 15.04 -16.71
C CYS A 34 -12.89 15.16 -18.07
N TYR A 35 -12.80 14.04 -18.81
CA TYR A 35 -12.26 14.10 -20.17
C TYR A 35 -13.41 14.08 -21.15
N ASP A 36 -13.65 15.22 -21.82
CA ASP A 36 -14.72 15.39 -22.81
C ASP A 36 -14.21 15.88 -24.17
N PRO A 37 -13.47 15.06 -24.97
CA PRO A 37 -13.00 15.52 -26.28
C PRO A 37 -14.06 15.72 -27.36
N THR A 38 -15.30 15.21 -27.15
CA THR A 38 -16.40 15.39 -28.12
C THR A 38 -17.42 16.46 -27.69
N ASN A 39 -17.27 17.01 -26.47
CA ASN A 39 -18.13 18.05 -25.86
C ASN A 39 -19.61 17.65 -25.74
N ASP A 40 -19.88 16.50 -25.11
CA ASP A 40 -21.25 16.02 -24.89
C ASP A 40 -21.83 16.52 -23.55
N GLY A 41 -21.00 17.24 -22.78
CA GLY A 41 -21.37 17.81 -21.49
C GLY A 41 -21.37 16.85 -20.32
N THR A 42 -21.09 15.56 -20.56
CA THR A 42 -21.03 14.54 -19.49
C THR A 42 -19.62 14.03 -19.33
N GLY A 43 -19.02 13.57 -20.43
CA GLY A 43 -17.66 13.04 -20.51
C GLY A 43 -17.43 11.78 -19.70
N GLU A 44 -16.15 11.48 -19.42
CA GLU A 44 -15.73 10.35 -18.59
C GLU A 44 -14.74 10.81 -17.52
N MET A 45 -15.02 10.41 -16.27
CA MET A 45 -14.19 10.78 -15.14
C MET A 45 -12.93 9.93 -15.01
N VAL A 46 -11.78 10.61 -14.87
CA VAL A 46 -10.45 10.01 -14.74
C VAL A 46 -9.69 10.67 -13.58
N ALA A 47 -8.66 9.99 -13.06
CA ALA A 47 -7.82 10.54 -12.00
C ALA A 47 -6.52 11.03 -12.61
N VAL A 48 -6.13 12.28 -12.29
CA VAL A 48 -4.90 12.87 -12.82
C VAL A 48 -3.89 13.13 -11.70
N LYS A 49 -2.71 12.51 -11.81
CA LYS A 49 -1.62 12.67 -10.86
C LYS A 49 -0.59 13.60 -11.51
N ALA A 50 -0.11 14.60 -10.75
CA ALA A 50 0.86 15.58 -11.26
C ALA A 50 1.99 15.92 -10.28
N LEU A 51 3.24 15.90 -10.80
CA LEU A 51 4.51 16.26 -10.15
C LEU A 51 4.76 15.63 -8.78
N TRP A 63 10.20 11.77 -13.35
CA TRP A 63 8.97 11.07 -12.98
C TRP A 63 8.59 9.96 -13.97
N LYS A 64 9.36 9.83 -15.06
CA LYS A 64 9.15 8.84 -16.12
C LYS A 64 9.17 7.37 -15.67
N GLN A 65 9.92 7.05 -14.58
CA GLN A 65 9.98 5.67 -14.04
C GLN A 65 8.66 5.17 -13.44
N GLU A 66 7.96 5.99 -12.61
CA GLU A 66 6.67 5.63 -12.02
C GLU A 66 5.66 5.34 -13.13
N ILE A 67 5.62 6.21 -14.15
CA ILE A 67 4.73 6.06 -15.30
C ILE A 67 5.13 4.81 -16.10
N ASP A 68 6.43 4.61 -16.37
CA ASP A 68 6.91 3.43 -17.11
C ASP A 68 6.65 2.10 -16.37
N ILE A 69 6.66 2.13 -15.02
CA ILE A 69 6.36 0.97 -14.17
C ILE A 69 4.87 0.60 -14.31
N LEU A 70 3.97 1.58 -14.03
CA LEU A 70 2.52 1.40 -14.12
C LEU A 70 2.05 0.99 -15.52
N ARG A 71 2.74 1.50 -16.56
CA ARG A 71 2.50 1.21 -17.98
C ARG A 71 2.60 -0.29 -18.28
N THR A 72 3.59 -0.99 -17.65
CA THR A 72 3.85 -2.42 -17.84
C THR A 72 2.99 -3.31 -16.93
N LEU A 73 2.15 -2.70 -16.07
CA LEU A 73 1.35 -3.46 -15.13
C LEU A 73 -0.10 -3.57 -15.54
N TYR A 74 -0.62 -4.80 -15.64
N TYR A 74 -0.59 -4.82 -15.67
CA TYR A 74 -2.03 -5.03 -15.95
CA TYR A 74 -1.98 -5.15 -16.02
C TYR A 74 -2.52 -6.18 -15.06
C TYR A 74 -2.45 -6.21 -15.00
N HIS A 75 -3.30 -5.81 -14.03
CA HIS A 75 -3.85 -6.70 -13.00
C HIS A 75 -5.11 -6.08 -12.38
N GLU A 76 -6.10 -6.92 -12.00
CA GLU A 76 -7.38 -6.52 -11.41
C GLU A 76 -7.24 -5.86 -10.02
N HIS A 77 -6.08 -6.04 -9.34
CA HIS A 77 -5.80 -5.47 -8.03
C HIS A 77 -4.69 -4.41 -8.02
N ILE A 78 -4.43 -3.81 -9.20
CA ILE A 78 -3.47 -2.73 -9.40
C ILE A 78 -4.19 -1.62 -10.15
N ILE A 79 -4.09 -0.37 -9.64
CA ILE A 79 -4.69 0.80 -10.29
C ILE A 79 -4.31 0.84 -11.77
N LYS A 80 -5.33 0.96 -12.60
CA LYS A 80 -5.19 0.92 -14.05
C LYS A 80 -4.67 2.20 -14.67
N TYR A 81 -3.56 2.06 -15.44
CA TYR A 81 -2.96 3.12 -16.23
C TYR A 81 -3.90 3.33 -17.43
N LYS A 82 -4.23 4.59 -17.73
CA LYS A 82 -5.09 4.92 -18.87
C LYS A 82 -4.30 5.62 -19.98
N GLY A 83 -3.34 6.46 -19.58
CA GLY A 83 -2.48 7.20 -20.47
C GLY A 83 -1.79 8.37 -19.78
N CYS A 84 -1.32 9.34 -20.59
CA CYS A 84 -0.65 10.54 -20.10
C CYS A 84 -0.85 11.76 -21.03
N CYS A 85 -0.59 12.96 -20.48
CA CYS A 85 -0.74 14.25 -21.15
C CYS A 85 0.42 15.18 -20.82
N GLU A 86 0.74 16.10 -21.76
CA GLU A 86 1.83 17.07 -21.62
C GLU A 86 1.49 18.17 -20.61
N LEU A 93 4.55 16.75 -17.63
CA LEU A 93 3.81 15.50 -17.86
C LEU A 93 2.96 15.13 -16.64
N GLN A 94 1.72 14.68 -16.89
CA GLN A 94 0.76 14.27 -15.87
C GLN A 94 0.29 12.83 -16.12
N LEU A 95 0.07 12.06 -15.05
CA LEU A 95 -0.38 10.67 -15.16
C LEU A 95 -1.89 10.56 -15.12
N VAL A 96 -2.47 9.85 -16.10
CA VAL A 96 -3.92 9.61 -16.17
C VAL A 96 -4.20 8.14 -15.86
N MET A 97 -4.97 7.93 -14.79
CA MET A 97 -5.38 6.62 -14.29
C MET A 97 -6.90 6.55 -14.19
N GLU A 98 -7.42 5.35 -13.88
CA GLU A 98 -8.85 5.12 -13.66
C GLU A 98 -9.25 5.78 -12.33
N TYR A 99 -10.42 6.39 -12.31
CA TYR A 99 -10.95 7.01 -11.11
C TYR A 99 -11.80 5.99 -10.37
N VAL A 100 -11.47 5.73 -9.11
N VAL A 100 -11.48 5.77 -9.11
CA VAL A 100 -12.21 4.78 -8.28
CA VAL A 100 -12.13 4.80 -8.23
C VAL A 100 -13.07 5.49 -7.22
C VAL A 100 -13.07 5.51 -7.21
N PRO A 101 -14.41 5.38 -7.32
CA PRO A 101 -15.31 6.12 -6.41
C PRO A 101 -15.33 5.86 -4.91
N LEU A 102 -15.08 4.64 -4.46
CA LEU A 102 -15.14 4.35 -3.02
C LEU A 102 -13.95 4.88 -2.18
N GLY A 103 -12.87 5.28 -2.85
CA GLY A 103 -11.70 5.85 -2.22
C GLY A 103 -10.77 4.86 -1.56
N SER A 104 -9.90 5.37 -0.67
CA SER A 104 -8.91 4.57 0.06
C SER A 104 -9.51 3.83 1.26
N LEU A 105 -8.87 2.70 1.65
CA LEU A 105 -9.26 1.89 2.81
C LEU A 105 -9.12 2.69 4.12
N ARG A 106 -8.14 3.60 4.18
CA ARG A 106 -7.89 4.48 5.32
C ARG A 106 -9.11 5.35 5.65
N ASP A 107 -9.85 5.80 4.62
CA ASP A 107 -11.05 6.60 4.81
C ASP A 107 -12.30 5.74 4.80
N TYR A 108 -12.26 4.60 4.07
CA TYR A 108 -13.40 3.70 3.92
C TYR A 108 -13.75 2.97 5.21
N LEU A 109 -12.75 2.32 5.86
CA LEU A 109 -12.96 1.54 7.08
C LEU A 109 -13.60 2.30 8.26
N PRO A 110 -13.18 3.55 8.62
CA PRO A 110 -13.88 4.29 9.70
C PRO A 110 -15.32 4.66 9.38
N ARG A 111 -15.65 4.78 8.08
CA ARG A 111 -16.95 5.16 7.53
C ARG A 111 -18.01 4.05 7.55
N HIS A 112 -17.59 2.77 7.44
CA HIS A 112 -18.54 1.64 7.39
C HIS A 112 -18.34 0.56 8.45
N SER A 113 -19.41 -0.21 8.71
CA SER A 113 -19.44 -1.36 9.61
C SER A 113 -18.97 -2.54 8.75
N ILE A 114 -17.67 -2.88 8.87
CA ILE A 114 -17.03 -3.95 8.12
C ILE A 114 -16.72 -5.14 9.04
N GLY A 115 -17.05 -6.34 8.57
CA GLY A 115 -16.82 -7.59 9.27
C GLY A 115 -15.46 -8.16 8.98
N LEU A 116 -15.00 -9.04 9.88
CA LEU A 116 -13.72 -9.76 9.83
C LEU A 116 -13.42 -10.41 8.48
N ALA A 117 -14.39 -11.16 7.89
CA ALA A 117 -14.26 -11.83 6.59
C ALA A 117 -13.93 -10.86 5.46
N GLN A 118 -14.64 -9.71 5.40
CA GLN A 118 -14.43 -8.67 4.39
C GLN A 118 -13.04 -8.04 4.55
N LEU A 119 -12.58 -7.84 5.80
CA LEU A 119 -11.23 -7.32 6.07
C LEU A 119 -10.18 -8.32 5.54
N LEU A 120 -10.40 -9.62 5.78
CA LEU A 120 -9.48 -10.67 5.32
C LEU A 120 -9.47 -10.83 3.80
N LEU A 121 -10.64 -10.61 3.18
CA LEU A 121 -10.80 -10.60 1.73
C LEU A 121 -10.01 -9.42 1.14
N PHE A 122 -10.07 -8.20 1.78
CA PHE A 122 -9.27 -7.05 1.34
C PHE A 122 -7.78 -7.42 1.38
N ALA A 123 -7.32 -8.03 2.50
CA ALA A 123 -5.94 -8.48 2.70
C ALA A 123 -5.52 -9.52 1.65
N GLN A 124 -6.40 -10.48 1.35
CA GLN A 124 -6.18 -11.51 0.33
C GLN A 124 -5.97 -10.86 -1.06
N GLN A 125 -6.81 -9.88 -1.43
CA GLN A 125 -6.74 -9.14 -2.70
C GLN A 125 -5.45 -8.31 -2.81
N ILE A 126 -5.00 -7.70 -1.68
CA ILE A 126 -3.73 -6.97 -1.63
C ILE A 126 -2.59 -7.96 -2.00
N CYS A 127 -2.58 -9.15 -1.34
CA CYS A 127 -1.59 -10.21 -1.58
C CYS A 127 -1.53 -10.68 -3.02
N GLU A 128 -2.70 -10.79 -3.69
CA GLU A 128 -2.82 -11.18 -5.10
C GLU A 128 -2.17 -10.12 -5.99
N GLY A 129 -2.49 -8.85 -5.74
CA GLY A 129 -1.91 -7.73 -6.49
C GLY A 129 -0.41 -7.65 -6.29
N MET A 130 0.04 -7.86 -5.03
CA MET A 130 1.47 -7.81 -4.65
C MET A 130 2.28 -8.97 -5.22
N ALA A 131 1.69 -10.19 -5.22
CA ALA A 131 2.30 -11.40 -5.79
C ALA A 131 2.56 -11.16 -7.29
N TYR A 132 1.58 -10.56 -8.01
CA TYR A 132 1.69 -10.20 -9.42
C TYR A 132 2.83 -9.20 -9.64
N LEU A 133 2.88 -8.13 -8.81
CA LEU A 133 3.90 -7.07 -8.87
C LEU A 133 5.30 -7.68 -8.75
N HIS A 134 5.49 -8.58 -7.76
CA HIS A 134 6.75 -9.27 -7.52
C HIS A 134 7.13 -10.19 -8.66
N SER A 135 6.12 -10.74 -9.38
CA SER A 135 6.31 -11.61 -10.54
C SER A 135 6.88 -10.82 -11.73
N GLN A 136 6.55 -9.53 -11.81
CA GLN A 136 7.00 -8.61 -12.86
C GLN A 136 8.33 -7.93 -12.49
N HIS A 137 8.95 -8.37 -11.37
CA HIS A 137 10.23 -7.91 -10.79
C HIS A 137 10.26 -6.47 -10.27
N TYR A 138 9.18 -6.08 -9.60
CA TYR A 138 9.05 -4.76 -8.99
C TYR A 138 8.75 -4.86 -7.50
N ILE A 139 9.16 -3.84 -6.75
CA ILE A 139 8.87 -3.66 -5.33
C ILE A 139 8.05 -2.37 -5.22
N HIS A 140 7.06 -2.33 -4.31
CA HIS A 140 6.18 -1.16 -4.14
C HIS A 140 6.79 -0.08 -3.25
N ARG A 141 7.27 -0.46 -2.04
CA ARG A 141 7.90 0.41 -1.03
C ARG A 141 7.01 1.48 -0.41
N ASN A 142 5.68 1.41 -0.62
CA ASN A 142 4.72 2.37 -0.05
C ASN A 142 3.38 1.68 0.20
N LEU A 143 3.45 0.40 0.60
CA LEU A 143 2.26 -0.42 0.87
C LEU A 143 1.71 -0.14 2.26
N ALA A 144 0.68 0.70 2.28
CA ALA A 144 -0.04 1.17 3.46
C ALA A 144 -1.49 1.30 3.06
N ALA A 145 -2.41 1.20 4.02
CA ALA A 145 -3.86 1.27 3.77
C ALA A 145 -4.31 2.49 2.99
N ARG A 146 -3.63 3.65 3.17
CA ARG A 146 -3.97 4.90 2.46
C ARG A 146 -3.68 4.82 0.96
N ASN A 147 -2.75 3.91 0.56
CA ASN A 147 -2.34 3.69 -0.82
C ASN A 147 -3.13 2.58 -1.54
N VAL A 148 -4.07 1.94 -0.83
CA VAL A 148 -4.94 0.89 -1.38
C VAL A 148 -6.35 1.46 -1.53
N LEU A 149 -6.89 1.42 -2.76
CA LEU A 149 -8.22 1.96 -3.08
C LEU A 149 -9.24 0.85 -3.37
N LEU A 150 -10.55 1.20 -3.30
CA LEU A 150 -11.65 0.25 -3.55
C LEU A 150 -12.58 0.72 -4.66
N ASP A 151 -12.86 -0.16 -5.63
CA ASP A 151 -13.82 0.18 -6.69
C ASP A 151 -15.22 -0.08 -6.14
N ASN A 152 -16.27 0.09 -6.95
CA ASN A 152 -17.66 -0.09 -6.56
C ASN A 152 -18.03 -1.44 -5.93
N ASP A 153 -17.34 -2.51 -6.31
CA ASP A 153 -17.60 -3.83 -5.76
C ASP A 153 -16.68 -4.13 -4.56
N ARG A 154 -16.09 -3.06 -3.96
CA ARG A 154 -15.14 -3.08 -2.84
C ARG A 154 -13.92 -3.93 -3.22
N LEU A 155 -13.50 -3.87 -4.50
CA LEU A 155 -12.34 -4.64 -4.95
C LEU A 155 -11.09 -3.80 -4.84
N VAL A 156 -10.05 -4.37 -4.21
CA VAL A 156 -8.75 -3.73 -3.98
C VAL A 156 -8.10 -3.21 -5.26
N LYS A 157 -7.53 -2.00 -5.19
CA LYS A 157 -6.81 -1.35 -6.27
C LYS A 157 -5.57 -0.71 -5.68
N ILE A 158 -4.42 -1.40 -5.76
CA ILE A 158 -3.15 -0.90 -5.23
C ILE A 158 -2.73 0.36 -6.01
N GLY A 159 -2.51 1.45 -5.29
CA GLY A 159 -2.10 2.72 -5.87
C GLY A 159 -0.75 3.22 -5.35
N ASP A 160 -0.47 4.52 -5.62
CA ASP A 160 0.77 5.23 -5.28
C ASP A 160 2.08 4.44 -5.50
N PHE A 161 2.47 4.36 -6.78
CA PHE A 161 3.69 3.70 -7.24
C PHE A 161 4.88 4.69 -7.29
N GLY A 162 4.73 5.81 -6.57
CA GLY A 162 5.73 6.86 -6.45
C GLY A 162 7.07 6.39 -5.90
N LEU A 163 7.05 5.37 -5.02
CA LEU A 163 8.25 4.78 -4.43
C LEU A 163 8.68 3.49 -5.12
N ALA A 164 7.81 2.91 -5.99
CA ALA A 164 8.07 1.64 -6.68
C ALA A 164 9.39 1.62 -7.49
N LYS A 165 10.07 0.45 -7.51
CA LYS A 165 11.36 0.26 -8.20
C LYS A 165 11.46 -1.12 -8.82
N ALA A 166 12.26 -1.22 -9.90
CA ALA A 166 12.59 -2.49 -10.53
C ALA A 166 13.72 -3.15 -9.73
N VAL A 167 13.56 -4.42 -9.33
CA VAL A 167 14.64 -5.11 -8.61
C VAL A 167 15.65 -5.51 -9.70
N PRO A 168 16.91 -5.00 -9.65
CA PRO A 168 17.89 -5.32 -10.70
C PRO A 168 18.09 -6.81 -10.94
N GLU A 169 18.19 -7.22 -12.22
CA GLU A 169 18.38 -8.62 -12.65
C GLU A 169 19.71 -9.16 -12.10
N GLY A 170 19.62 -10.28 -11.39
CA GLY A 170 20.77 -10.90 -10.73
C GLY A 170 21.03 -10.34 -9.35
N HIS A 171 20.06 -9.58 -8.80
CA HIS A 171 20.14 -8.98 -7.46
C HIS A 171 18.89 -9.32 -6.67
N GLU A 172 19.05 -9.49 -5.35
CA GLU A 172 17.93 -9.86 -4.49
C GLU A 172 17.24 -8.65 -3.83
N TYR A 173 17.87 -7.46 -3.94
CA TYR A 173 17.34 -6.24 -3.35
C TYR A 173 17.63 -4.99 -4.17
N TYR A 174 16.95 -3.90 -3.80
CA TYR A 174 17.16 -2.57 -4.38
C TYR A 174 17.86 -1.74 -3.29
N ARG A 175 18.97 -1.07 -3.66
CA ARG A 175 19.71 -0.22 -2.73
C ARG A 175 18.97 1.11 -2.57
N VAL A 176 18.45 1.38 -1.35
CA VAL A 176 17.73 2.62 -1.07
C VAL A 176 18.65 3.84 -0.84
N ARG A 177 18.33 4.95 -1.54
CA ARG A 177 19.06 6.23 -1.51
C ARG A 177 18.48 7.10 -0.40
N GLU A 178 18.69 6.69 0.87
CA GLU A 178 18.18 7.37 2.07
C GLU A 178 16.68 7.11 2.32
N ASP A 179 16.25 7.08 3.61
CA ASP A 179 14.85 6.87 3.99
C ASP A 179 14.00 8.17 3.89
N GLY A 180 14.65 9.28 3.48
CA GLY A 180 14.08 10.61 3.27
C GLY A 180 12.60 10.77 3.52
N ASP A 181 11.79 10.78 2.43
CA ASP A 181 10.33 10.93 2.48
C ASP A 181 9.62 9.58 2.23
N SER A 182 9.90 8.58 3.12
CA SER A 182 9.37 7.23 3.02
C SER A 182 8.53 6.81 4.24
N PRO A 183 7.52 5.91 4.09
CA PRO A 183 6.73 5.50 5.27
C PRO A 183 7.52 4.51 6.13
N VAL A 184 8.47 5.04 6.90
CA VAL A 184 9.38 4.29 7.77
C VAL A 184 8.67 3.41 8.80
N PHE A 185 7.48 3.81 9.25
CA PHE A 185 6.69 3.04 10.22
C PHE A 185 6.00 1.78 9.62
N TRP A 186 6.16 1.59 8.29
CA TRP A 186 5.67 0.44 7.51
C TRP A 186 6.89 -0.34 7.00
N TYR A 187 8.10 0.03 7.47
CA TYR A 187 9.36 -0.54 6.99
C TYR A 187 10.06 -1.52 7.89
N ALA A 188 10.56 -2.59 7.25
CA ALA A 188 11.33 -3.67 7.85
C ALA A 188 12.68 -3.16 8.35
N PRO A 189 13.31 -3.77 9.39
CA PRO A 189 14.59 -3.25 9.88
C PRO A 189 15.71 -3.11 8.87
N GLU A 190 15.79 -4.00 7.84
CA GLU A 190 16.84 -3.94 6.80
C GLU A 190 16.81 -2.68 5.92
N CYS A 191 15.63 -2.07 5.75
CA CYS A 191 15.45 -0.85 4.96
C CYS A 191 16.05 0.35 5.70
N LEU A 192 15.92 0.37 7.04
CA LEU A 192 16.36 1.44 7.93
C LEU A 192 17.83 1.33 8.29
N LYS A 193 18.28 0.10 8.57
CA LYS A 193 19.64 -0.23 8.96
C LYS A 193 20.60 -0.42 7.77
N GLU A 194 20.23 -1.28 6.81
CA GLU A 194 21.10 -1.65 5.68
C GLU A 194 20.77 -0.99 4.38
N TYR A 195 19.66 -0.22 4.32
CA TYR A 195 19.20 0.46 3.10
C TYR A 195 18.98 -0.54 1.96
N LYS A 196 18.38 -1.67 2.33
CA LYS A 196 18.10 -2.80 1.46
C LYS A 196 16.60 -2.97 1.39
N PHE A 197 16.08 -3.11 0.17
CA PHE A 197 14.66 -3.37 -0.02
C PHE A 197 14.52 -4.64 -0.85
N TYR A 198 14.14 -5.74 -0.19
CA TYR A 198 13.89 -7.05 -0.78
C TYR A 198 12.40 -7.15 -1.09
N TYR A 199 12.00 -8.20 -1.83
CA TYR A 199 10.58 -8.51 -2.04
C TYR A 199 9.97 -8.77 -0.64
N ALA A 200 10.77 -9.35 0.28
CA ALA A 200 10.38 -9.61 1.67
C ALA A 200 10.13 -8.33 2.47
N SER A 201 10.73 -7.19 2.07
CA SER A 201 10.49 -5.90 2.75
C SER A 201 9.06 -5.43 2.52
N ASP A 202 8.51 -5.68 1.31
CA ASP A 202 7.10 -5.40 0.97
C ASP A 202 6.12 -6.26 1.81
N VAL A 203 6.54 -7.50 2.20
CA VAL A 203 5.74 -8.42 3.03
C VAL A 203 5.57 -7.83 4.43
N TRP A 204 6.65 -7.21 4.96
CA TRP A 204 6.62 -6.55 6.26
C TRP A 204 5.58 -5.42 6.24
N SER A 205 5.58 -4.58 5.18
CA SER A 205 4.62 -3.47 5.00
C SER A 205 3.20 -4.00 4.92
N PHE A 206 3.04 -5.17 4.25
CA PHE A 206 1.74 -5.84 4.17
C PHE A 206 1.25 -6.20 5.56
N GLY A 207 2.17 -6.69 6.41
CA GLY A 207 1.89 -7.04 7.80
C GLY A 207 1.35 -5.86 8.58
N VAL A 208 1.93 -4.68 8.34
CA VAL A 208 1.51 -3.41 8.94
C VAL A 208 0.15 -2.99 8.34
N THR A 209 -0.03 -3.13 7.01
CA THR A 209 -1.30 -2.83 6.32
C THR A 209 -2.41 -3.75 6.89
N LEU A 210 -2.09 -5.04 7.12
CA LEU A 210 -3.00 -6.04 7.71
C LEU A 210 -3.39 -5.61 9.13
N TYR A 211 -2.40 -5.08 9.91
CA TYR A 211 -2.63 -4.51 11.25
C TYR A 211 -3.61 -3.32 11.11
N GLU A 212 -3.41 -2.45 10.10
CA GLU A 212 -4.30 -1.32 9.81
C GLU A 212 -5.74 -1.75 9.56
N LEU A 213 -5.95 -2.79 8.71
CA LEU A 213 -7.30 -3.30 8.40
C LEU A 213 -8.02 -3.80 9.67
N LEU A 214 -7.28 -4.50 10.54
CA LEU A 214 -7.81 -5.04 11.78
C LEU A 214 -8.13 -3.99 12.86
N THR A 215 -7.53 -2.77 12.75
CA THR A 215 -7.84 -1.63 13.64
C THR A 215 -8.99 -0.80 13.02
N HIS A 216 -9.45 -1.19 11.79
CA HIS A 216 -10.48 -0.52 10.97
C HIS A 216 -9.97 0.87 10.60
N CYS A 217 -8.65 0.98 10.40
CA CYS A 217 -7.91 2.20 10.11
C CYS A 217 -8.20 3.34 11.08
N ASP A 218 -8.38 2.99 12.37
CA ASP A 218 -8.61 3.95 13.45
C ASP A 218 -7.31 4.73 13.67
N SER A 219 -7.40 6.06 13.65
CA SER A 219 -6.29 6.99 13.81
C SER A 219 -5.58 6.85 15.15
N SER A 220 -6.34 6.56 16.23
CA SER A 220 -5.80 6.37 17.59
C SER A 220 -4.89 5.14 17.70
N GLN A 221 -5.05 4.19 16.77
CA GLN A 221 -4.32 2.92 16.69
C GLN A 221 -3.32 2.86 15.51
N SER A 222 -3.15 3.96 14.75
CA SER A 222 -2.25 3.99 13.58
C SER A 222 -0.77 3.64 13.89
N PRO A 223 -0.03 3.00 12.93
CA PRO A 223 1.39 2.66 13.20
C PRO A 223 2.32 3.79 13.65
N PRO A 224 2.33 5.03 13.08
CA PRO A 224 3.24 6.07 13.62
C PRO A 224 2.91 6.41 15.07
N THR A 225 1.60 6.51 15.38
CA THR A 225 1.05 6.82 16.69
C THR A 225 1.39 5.71 17.71
N LYS A 226 1.17 4.43 17.33
CA LYS A 226 1.44 3.29 18.19
C LYS A 226 2.91 3.04 18.47
N PHE A 227 3.79 3.14 17.44
CA PHE A 227 5.24 2.97 17.61
C PHE A 227 5.87 3.97 18.59
N LEU A 228 5.38 5.22 18.60
CA LEU A 228 5.85 6.24 19.53
C LEU A 228 5.41 5.87 20.96
N GLU A 229 4.17 5.35 21.10
CA GLU A 229 3.57 4.89 22.36
C GLU A 229 4.31 3.69 22.95
N LEU A 230 4.95 2.85 22.09
CA LEU A 230 5.72 1.65 22.46
C LEU A 230 6.91 1.96 23.40
N ILE A 231 7.42 3.21 23.36
CA ILE A 231 8.52 3.66 24.23
C ILE A 231 8.05 4.84 25.09
N GLY A 232 7.19 5.69 24.52
CA GLY A 232 6.65 6.87 25.18
C GLY A 232 7.39 8.13 24.81
N ILE A 233 7.61 8.29 23.50
CA ILE A 233 8.33 9.43 22.93
C ILE A 233 7.40 10.33 22.10
N ALA A 234 7.73 11.64 22.03
CA ALA A 234 6.96 12.68 21.31
C ALA A 234 6.83 12.40 19.80
N GLN A 235 5.90 13.12 19.12
CA GLN A 235 5.58 13.01 17.68
C GLN A 235 6.77 13.01 16.69
N GLY A 236 7.97 13.32 17.18
CA GLY A 236 9.20 13.35 16.40
C GLY A 236 10.47 13.18 17.20
N GLN A 237 10.56 12.07 17.96
CA GLN A 237 11.74 11.71 18.76
C GLN A 237 12.25 10.32 18.32
N MET A 238 11.57 9.75 17.31
CA MET A 238 11.95 8.46 16.74
C MET A 238 13.05 8.67 15.70
N THR A 239 14.25 8.22 16.04
CA THR A 239 15.42 8.26 15.19
C THR A 239 15.48 6.92 14.44
N VAL A 240 16.27 6.84 13.35
CA VAL A 240 16.45 5.62 12.56
C VAL A 240 17.10 4.53 13.42
N LEU A 241 17.91 4.93 14.40
CA LEU A 241 18.61 4.04 15.30
C LEU A 241 17.68 3.48 16.38
N ARG A 242 16.88 4.35 17.02
N ARG A 242 16.86 4.34 17.03
CA ARG A 242 15.91 3.96 18.04
CA ARG A 242 15.91 3.94 18.06
C ARG A 242 14.92 2.96 17.44
C ARG A 242 14.84 2.99 17.48
N LEU A 243 14.36 3.28 16.24
CA LEU A 243 13.40 2.44 15.53
C LEU A 243 14.02 1.10 15.13
N THR A 244 15.28 1.11 14.61
CA THR A 244 16.03 -0.10 14.22
C THR A 244 16.24 -1.02 15.41
N GLU A 245 16.70 -0.46 16.56
CA GLU A 245 16.95 -1.21 17.81
C GLU A 245 15.68 -1.84 18.38
N LEU A 246 14.53 -1.13 18.35
N LEU A 246 14.54 -1.12 18.35
CA LEU A 246 13.25 -1.66 18.87
CA LEU A 246 13.23 -1.55 18.84
C LEU A 246 12.77 -2.84 18.04
C LEU A 246 12.74 -2.78 18.05
N LEU A 247 12.85 -2.71 16.70
CA LEU A 247 12.46 -3.79 15.77
C LEU A 247 13.37 -5.01 15.92
N GLU A 248 14.72 -4.79 16.03
CA GLU A 248 15.71 -5.85 16.23
C GLU A 248 15.52 -6.56 17.59
N ARG A 249 15.02 -5.82 18.60
CA ARG A 249 14.70 -6.27 19.97
C ARG A 249 13.35 -7.04 19.97
N GLY A 250 12.70 -7.15 18.81
CA GLY A 250 11.45 -7.88 18.67
C GLY A 250 10.18 -7.18 19.12
N GLU A 251 10.24 -5.85 19.34
CA GLU A 251 9.05 -5.08 19.72
C GLU A 251 8.18 -4.84 18.49
N ARG A 252 6.88 -5.12 18.63
CA ARG A 252 5.93 -5.06 17.52
C ARG A 252 4.65 -4.32 17.89
N LEU A 253 3.85 -3.97 16.87
CA LEU A 253 2.54 -3.35 17.04
C LEU A 253 1.65 -4.31 17.87
N PRO A 254 0.74 -3.81 18.73
CA PRO A 254 -0.04 -4.73 19.56
C PRO A 254 -1.16 -5.41 18.77
N ARG A 255 -1.84 -6.39 19.39
N ARG A 255 -1.84 -6.39 19.39
CA ARG A 255 -2.95 -7.08 18.76
CA ARG A 255 -2.95 -7.08 18.74
C ARG A 255 -4.16 -6.13 18.72
C ARG A 255 -4.16 -6.12 18.72
N PRO A 256 -4.68 -5.76 17.52
CA PRO A 256 -5.83 -4.85 17.46
C PRO A 256 -7.06 -5.40 18.16
N ASP A 257 -7.91 -4.53 18.72
CA ASP A 257 -9.10 -4.94 19.45
C ASP A 257 -9.99 -5.82 18.56
N LYS A 258 -10.44 -6.95 19.13
CA LYS A 258 -11.27 -7.98 18.49
C LYS A 258 -10.55 -8.76 17.36
N CYS A 259 -9.21 -8.56 17.19
CA CYS A 259 -8.43 -9.29 16.20
C CYS A 259 -8.16 -10.72 16.68
N PRO A 260 -8.49 -11.74 15.86
CA PRO A 260 -8.22 -13.13 16.28
C PRO A 260 -6.73 -13.38 16.35
N CYS A 261 -6.30 -14.05 17.43
CA CYS A 261 -4.90 -14.37 17.69
C CYS A 261 -4.17 -14.92 16.45
N GLU A 262 -4.81 -15.82 15.68
CA GLU A 262 -4.23 -16.40 14.47
C GLU A 262 -4.01 -15.37 13.34
N VAL A 263 -4.87 -14.32 13.23
CA VAL A 263 -4.72 -13.26 12.22
C VAL A 263 -3.54 -12.40 12.69
N TYR A 264 -3.44 -12.15 14.01
CA TYR A 264 -2.32 -11.43 14.61
C TYR A 264 -0.99 -12.20 14.44
N HIS A 265 -1.01 -13.54 14.65
CA HIS A 265 0.19 -14.37 14.49
C HIS A 265 0.71 -14.35 13.05
N LEU A 266 -0.20 -14.13 12.09
CA LEU A 266 0.13 -14.00 10.68
C LEU A 266 0.88 -12.68 10.44
N MET A 267 0.45 -11.58 11.08
CA MET A 267 1.12 -10.27 11.00
C MET A 267 2.54 -10.44 11.53
N LYS A 268 2.68 -11.12 12.68
CA LYS A 268 3.98 -11.39 13.30
C LYS A 268 4.91 -12.20 12.35
N ASN A 269 4.37 -13.16 11.58
CA ASN A 269 5.12 -13.94 10.58
C ASN A 269 5.63 -12.97 9.51
N CYS A 270 4.78 -11.99 9.08
CA CYS A 270 5.18 -10.97 8.11
C CYS A 270 6.20 -10.02 8.71
N TRP A 271 6.23 -9.90 10.05
CA TRP A 271 7.17 -9.07 10.80
C TRP A 271 8.39 -9.81 11.31
N GLU A 272 8.76 -10.94 10.70
CA GLU A 272 9.96 -11.64 11.15
C GLU A 272 11.18 -10.74 10.90
N THR A 273 12.07 -10.66 11.89
CA THR A 273 13.29 -9.83 11.82
C THR A 273 14.09 -10.14 10.56
N GLU A 274 14.38 -11.42 10.33
CA GLU A 274 15.09 -11.90 9.15
C GLU A 274 14.14 -11.88 7.96
N ALA A 275 14.58 -11.20 6.89
CA ALA A 275 13.81 -11.01 5.66
C ALA A 275 13.50 -12.33 4.96
N SER A 276 14.49 -13.23 4.89
CA SER A 276 14.37 -14.55 4.27
C SER A 276 13.38 -15.48 5.01
N PHE A 277 13.07 -15.18 6.29
CA PHE A 277 12.16 -15.98 7.10
C PHE A 277 10.69 -15.53 7.02
N ARG A 278 10.41 -14.42 6.31
CA ARG A 278 9.03 -13.95 6.15
C ARG A 278 8.33 -14.79 5.10
N PRO A 279 6.98 -14.95 5.16
CA PRO A 279 6.28 -15.66 4.06
C PRO A 279 6.36 -14.85 2.79
N THR A 280 6.08 -15.46 1.64
CA THR A 280 6.04 -14.73 0.38
C THR A 280 4.57 -14.35 0.15
N PHE A 281 4.28 -13.45 -0.81
CA PHE A 281 2.90 -13.09 -1.13
C PHE A 281 2.22 -14.26 -1.78
N GLU A 282 2.95 -14.99 -2.66
N GLU A 282 2.95 -14.99 -2.66
CA GLU A 282 2.44 -16.18 -3.36
CA GLU A 282 2.47 -16.18 -3.36
C GLU A 282 1.93 -17.24 -2.38
C GLU A 282 1.91 -17.21 -2.36
N ASN A 283 2.62 -17.42 -1.23
CA ASN A 283 2.20 -18.36 -0.19
C ASN A 283 1.16 -17.80 0.80
N LEU A 284 1.06 -16.48 0.92
CA LEU A 284 0.09 -15.83 1.80
C LEU A 284 -1.35 -15.91 1.29
N ILE A 285 -1.54 -15.91 -0.05
CA ILE A 285 -2.86 -15.98 -0.70
C ILE A 285 -3.69 -17.20 -0.25
N PRO A 286 -3.19 -18.47 -0.37
CA PRO A 286 -3.99 -19.62 0.11
C PRO A 286 -4.33 -19.55 1.60
N ILE A 287 -3.40 -19.03 2.42
CA ILE A 287 -3.58 -18.86 3.86
C ILE A 287 -4.70 -17.86 4.16
N LEU A 288 -4.68 -16.68 3.51
CA LEU A 288 -5.72 -15.67 3.67
C LEU A 288 -7.06 -16.14 3.11
N LYS A 289 -7.02 -17.01 2.07
CA LYS A 289 -8.22 -17.63 1.51
C LYS A 289 -8.87 -18.57 2.55
N THR A 290 -8.05 -19.38 3.25
N THR A 290 -8.07 -19.40 3.27
CA THR A 290 -8.48 -20.33 4.29
CA THR A 290 -8.59 -20.31 4.29
C THR A 290 -9.09 -19.60 5.50
C THR A 290 -9.10 -19.62 5.56
N VAL A 291 -8.39 -18.54 5.99
CA VAL A 291 -8.80 -17.74 7.16
C VAL A 291 -10.10 -16.99 6.84
N HIS A 292 -10.24 -16.45 5.61
CA HIS A 292 -11.45 -15.76 5.15
C HIS A 292 -12.70 -16.67 5.20
N GLU A 293 -12.54 -17.96 4.85
CA GLU A 293 -13.59 -18.96 4.85
C GLU A 293 -14.07 -19.29 6.25
N LYS A 294 -13.13 -19.43 7.21
CA LYS A 294 -13.38 -19.75 8.61
C LYS A 294 -14.31 -18.71 9.29
N TYR A 295 -14.08 -17.42 9.03
CA TYR A 295 -14.84 -16.32 9.63
C TYR A 295 -16.03 -15.81 8.82
N ARG A 296 -16.21 -16.30 7.56
CA ARG A 296 -17.33 -15.88 6.69
C ARG A 296 -18.71 -16.16 7.31
N HIS A 297 -19.66 -15.21 7.11
CA HIS A 297 -21.05 -15.24 7.59
C HIS A 297 -21.21 -15.52 9.09
S SO4 B . -22.50 0.62 6.57
O1 SO4 B . -23.81 0.02 6.79
O2 SO4 B . -21.86 0.82 7.87
O3 SO4 B . -21.68 -0.26 5.74
O4 SO4 B . -22.63 1.92 5.89
S SO4 C . -1.68 -12.51 21.48
O1 SO4 C . -2.30 -13.37 22.50
O2 SO4 C . -0.25 -12.69 21.49
O3 SO4 C . -2.17 -12.88 20.16
O4 SO4 C . -1.99 -11.11 21.78
C1 EDO D . 13.70 6.71 -2.13
O1 EDO D . 13.43 7.16 -3.46
C2 EDO D . 15.21 6.48 -1.96
O2 EDO D . 15.70 5.57 -2.92
C1 EDO E . 0.83 6.97 5.97
O1 EDO E . -0.48 6.42 6.02
C2 EDO E . 1.78 6.02 5.19
O2 EDO E . 1.61 6.19 3.81
C1 GOL F . 17.71 4.48 -8.38
O1 GOL F . 16.86 5.39 -7.69
C2 GOL F . 17.26 4.30 -9.80
O2 GOL F . 15.92 3.79 -9.81
C3 GOL F . 18.17 3.34 -10.51
O3 GOL F . 17.80 3.20 -11.88
C4 0X2 G . -4.23 8.64 -3.50
C5 0X2 G . -4.03 9.93 -3.02
C6 0X2 G . -3.00 10.19 -2.11
C11 0X2 G . -8.51 7.49 -7.38
C7 0X2 G . -5.40 8.38 -4.41
C8 0X2 G . -6.19 7.75 -6.65
C9 0X2 G . -5.79 7.18 -7.88
C10 0X2 G . -6.76 6.80 -8.82
C12 0X2 G . -7.57 7.90 -6.42
N1 0X2 G . -5.20 8.08 -5.70
N2 0X2 G . -8.07 6.97 -8.56
C3 0X2 G . -3.44 7.60 -3.04
O2 0X2 G . -9.73 7.61 -7.14
O1 0X2 G . -6.50 8.48 -3.88
CL2 0X2 G . -3.69 5.93 -3.62
C2 0X2 G . -2.40 7.85 -2.13
CL1 0X2 G . -5.10 11.25 -3.58
C1 0X2 G . -2.19 9.15 -1.67
#